data_6G2C
#
_entry.id   6G2C
#
_cell.length_a   43.911
_cell.length_b   47.570
_cell.length_c   64.287
_cell.angle_alpha   90.000
_cell.angle_beta   90.000
_cell.angle_gamma   90.000
#
_symmetry.space_group_name_H-M   'P 21 21 21'
#
loop_
_entity.id
_entity.type
_entity.pdbx_description
1 polymer 'Histone-lysine N-methyltransferase NSD3'
2 non-polymer 3,5-dimethyl-4-(1-methyl-5-pyridin-4-yl-imidazol-4-yl)-1,2-oxazole
3 water water
#
_entity_poly.entity_id   1
_entity_poly.type   'polypeptide(L)'
_entity_poly.pdbx_seq_one_letter_code
;STGVKFQVGDLVWSKVGTYPWWPCMVSSDPQLEVHTKINTRGAREYHVQFFSNQPERAWVHEKRVREYKGHKQYEELLAE
ATKQASNHSEKQKIRKPRPQRERAQWDIGIAHAEKALKMTREERIEQYTFIYIDKQ
;
_entity_poly.pdbx_strand_id   A
#
loop_
_chem_comp.id
_chem_comp.type
_chem_comp.name
_chem_comp.formula
EHT non-polymer 3,5-dimethyl-4-(1-methyl-5-pyridin-4-yl-imidazol-4-yl)-1,2-oxazole 'C14 H14 N4 O'
#
# COMPACT_ATOMS: atom_id res chain seq x y z
N VAL A 4 -16.49 -4.46 2.84
CA VAL A 4 -15.55 -4.04 1.81
C VAL A 4 -15.44 -2.50 1.78
N LYS A 5 -14.41 -1.97 2.47
CA LYS A 5 -14.12 -0.55 2.62
C LYS A 5 -13.24 0.02 1.49
N PHE A 6 -12.54 -0.85 0.74
CA PHE A 6 -11.65 -0.40 -0.33
C PHE A 6 -11.95 -1.05 -1.67
N GLN A 7 -11.70 -0.31 -2.75
CA GLN A 7 -11.93 -0.80 -4.11
C GLN A 7 -10.64 -0.64 -4.89
N VAL A 8 -10.55 -1.28 -6.09
CA VAL A 8 -9.36 -1.22 -6.95
C VAL A 8 -9.03 0.24 -7.28
N GLY A 9 -7.75 0.62 -7.19
CA GLY A 9 -7.31 1.98 -7.46
C GLY A 9 -7.27 2.90 -6.26
N ASP A 10 -7.83 2.46 -5.11
CA ASP A 10 -7.78 3.26 -3.88
C ASP A 10 -6.35 3.32 -3.38
N LEU A 11 -5.94 4.50 -2.87
CA LEU A 11 -4.62 4.66 -2.27
C LEU A 11 -4.73 4.36 -0.80
N VAL A 12 -3.83 3.51 -0.31
CA VAL A 12 -3.80 3.07 1.09
C VAL A 12 -2.37 3.03 1.64
N TRP A 13 -2.26 3.09 2.97
CA TRP A 13 -1.02 2.82 3.70
C TRP A 13 -1.19 1.36 4.15
N SER A 14 -0.13 0.55 4.08
CA SER A 14 -0.16 -0.83 4.56
C SER A 14 1.02 -1.05 5.50
N LYS A 15 0.77 -1.79 6.60
CA LYS A 15 1.78 -2.12 7.61
C LYS A 15 2.00 -3.63 7.49
N VAL A 16 3.09 -4.03 6.82
CA VAL A 16 3.39 -5.43 6.50
C VAL A 16 4.79 -5.83 6.99
N GLY A 17 4.86 -6.99 7.65
CA GLY A 17 6.10 -7.59 8.15
C GLY A 17 6.89 -6.68 9.06
N THR A 18 8.17 -6.47 8.72
CA THR A 18 9.07 -5.62 9.52
C THR A 18 9.12 -4.19 8.99
N TYR A 19 8.35 -3.90 7.94
CA TYR A 19 8.37 -2.60 7.29
C TYR A 19 7.50 -1.54 7.94
N PRO A 20 7.85 -0.24 7.78
CA PRO A 20 6.99 0.82 8.33
C PRO A 20 5.72 0.97 7.48
N TRP A 21 4.76 1.79 7.94
CA TRP A 21 3.55 2.10 7.15
C TRP A 21 4.02 2.54 5.76
N TRP A 22 3.52 1.86 4.71
CA TRP A 22 4.00 2.03 3.34
C TRP A 22 2.91 2.44 2.36
N PRO A 23 3.20 3.38 1.42
CA PRO A 23 2.20 3.79 0.42
C PRO A 23 1.91 2.67 -0.59
N CYS A 24 0.62 2.38 -0.79
CA CYS A 24 0.12 1.31 -1.66
C CYS A 24 -1.05 1.74 -2.52
N MET A 25 -1.37 0.91 -3.50
CA MET A 25 -2.59 1.04 -4.30
C MET A 25 -3.29 -0.33 -4.26
N VAL A 26 -4.60 -0.32 -3.94
CA VAL A 26 -5.42 -1.54 -3.93
C VAL A 26 -5.55 -2.02 -5.39
N SER A 27 -5.37 -3.32 -5.64
CA SER A 27 -5.45 -3.89 -6.98
C SER A 27 -6.03 -5.28 -6.92
N SER A 28 -6.42 -5.82 -8.08
CA SER A 28 -6.96 -7.18 -8.18
C SER A 28 -5.79 -8.18 -8.24
N ASP A 29 -5.84 -9.24 -7.43
CA ASP A 29 -4.81 -10.30 -7.44
C ASP A 29 -4.77 -10.89 -8.87
N PRO A 30 -3.56 -10.99 -9.50
CA PRO A 30 -3.49 -11.46 -10.89
C PRO A 30 -4.01 -12.87 -11.16
N GLN A 31 -4.01 -13.74 -10.14
CA GLN A 31 -4.44 -15.13 -10.25
C GLN A 31 -5.85 -15.35 -9.68
N LEU A 32 -6.17 -14.71 -8.54
CA LEU A 32 -7.51 -14.86 -7.94
C LEU A 32 -8.56 -13.94 -8.58
N GLU A 33 -8.11 -12.85 -9.23
CA GLU A 33 -8.94 -11.86 -9.93
C GLU A 33 -9.97 -11.19 -9.01
N VAL A 34 -9.56 -11.00 -7.75
CA VAL A 34 -10.30 -10.30 -6.69
C VAL A 34 -9.34 -9.37 -5.97
N HIS A 35 -9.83 -8.23 -5.46
CA HIS A 35 -8.99 -7.26 -4.73
C HIS A 35 -9.17 -7.42 -3.21
N THR A 36 -10.16 -8.23 -2.81
CA THR A 36 -10.45 -8.50 -1.41
C THR A 36 -10.85 -9.97 -1.23
N LYS A 37 -10.61 -10.53 -0.04
CA LYS A 37 -10.99 -11.92 0.28
C LYS A 37 -11.06 -12.12 1.78
N ILE A 38 -11.69 -13.23 2.17
CA ILE A 38 -11.73 -13.67 3.55
C ILE A 38 -10.64 -14.76 3.62
N ASN A 39 -9.69 -14.59 4.53
CA ASN A 39 -8.56 -15.50 4.69
C ASN A 39 -8.95 -16.79 5.44
N THR A 40 -7.97 -17.70 5.60
CA THR A 40 -8.15 -18.99 6.28
C THR A 40 -8.47 -18.87 7.78
N ARG A 41 -8.27 -17.67 8.36
CA ARG A 41 -8.59 -17.41 9.76
C ARG A 41 -9.97 -16.72 9.88
N GLY A 42 -10.59 -16.48 8.72
CA GLY A 42 -11.91 -15.87 8.64
C GLY A 42 -11.92 -14.35 8.68
N ALA A 43 -10.75 -13.72 8.43
CA ALA A 43 -10.63 -12.26 8.46
C ALA A 43 -10.52 -11.67 7.05
N ARG A 44 -11.01 -10.43 6.88
CA ARG A 44 -10.91 -9.74 5.59
C ARG A 44 -9.48 -9.27 5.31
N GLU A 45 -9.07 -9.44 4.05
CA GLU A 45 -7.79 -8.99 3.53
C GLU A 45 -7.99 -8.23 2.22
N TYR A 46 -7.06 -7.32 1.92
CA TYR A 46 -7.02 -6.56 0.68
C TYR A 46 -5.72 -6.84 -0.07
N HIS A 47 -5.81 -6.88 -1.39
CA HIS A 47 -4.63 -7.07 -2.23
C HIS A 47 -4.08 -5.70 -2.59
N VAL A 48 -2.79 -5.49 -2.32
CA VAL A 48 -2.17 -4.19 -2.60
C VAL A 48 -0.90 -4.31 -3.41
N GLN A 49 -0.56 -3.23 -4.10
CA GLN A 49 0.71 -3.00 -4.79
C GLN A 49 1.47 -2.00 -3.92
N PHE A 50 2.74 -2.27 -3.62
CA PHE A 50 3.56 -1.31 -2.88
C PHE A 50 4.19 -0.33 -3.89
N PHE A 51 4.03 0.99 -3.65
CA PHE A 51 4.73 2.00 -4.47
C PHE A 51 6.19 1.92 -4.04
N SER A 52 7.09 1.73 -5.02
CA SER A 52 8.52 1.52 -4.78
C SER A 52 9.25 1.46 -6.10
N ASN A 53 10.60 1.45 -6.05
CA ASN A 53 11.42 1.22 -7.24
C ASN A 53 11.48 -0.32 -7.46
N GLN A 54 11.07 -1.11 -6.43
CA GLN A 54 11.05 -2.57 -6.44
C GLN A 54 9.57 -3.01 -6.35
N PRO A 55 8.88 -3.20 -7.50
CA PRO A 55 7.44 -3.55 -7.44
C PRO A 55 7.17 -4.89 -6.75
N GLU A 56 6.20 -4.89 -5.83
CA GLU A 56 5.82 -6.08 -5.06
C GLU A 56 4.35 -5.95 -4.73
N ARG A 57 3.71 -7.06 -4.40
CA ARG A 57 2.29 -7.11 -4.07
C ARG A 57 2.13 -8.00 -2.84
N ALA A 58 1.01 -7.85 -2.14
CA ALA A 58 0.70 -8.69 -0.97
C ALA A 58 -0.77 -8.61 -0.60
N TRP A 59 -1.24 -9.65 0.07
CA TRP A 59 -2.55 -9.70 0.70
C TRP A 59 -2.30 -9.17 2.11
N VAL A 60 -3.08 -8.17 2.53
CA VAL A 60 -2.89 -7.51 3.83
C VAL A 60 -4.18 -7.52 4.62
N HIS A 61 -4.10 -7.89 5.92
CA HIS A 61 -5.24 -7.90 6.85
C HIS A 61 -5.80 -6.47 6.93
N GLU A 62 -7.14 -6.32 6.83
CA GLU A 62 -7.84 -5.02 6.87
C GLU A 62 -7.42 -4.10 8.03
N LYS A 63 -7.04 -4.67 9.19
CA LYS A 63 -6.58 -3.91 10.37
C LYS A 63 -5.21 -3.23 10.12
N ARG A 64 -4.47 -3.67 9.09
CA ARG A 64 -3.14 -3.16 8.72
C ARG A 64 -3.21 -2.29 7.46
N VAL A 65 -4.41 -1.88 7.06
CA VAL A 65 -4.66 -1.04 5.88
C VAL A 65 -5.39 0.24 6.34
N ARG A 66 -4.94 1.42 5.87
CA ARG A 66 -5.56 2.72 6.18
C ARG A 66 -5.69 3.54 4.90
N GLU A 67 -6.72 4.39 4.80
CA GLU A 67 -6.87 5.26 3.63
C GLU A 67 -5.66 6.23 3.55
N TYR A 68 -5.08 6.40 2.35
CA TYR A 68 -3.94 7.30 2.15
C TYR A 68 -4.51 8.69 1.78
N LYS A 69 -4.42 9.65 2.71
CA LYS A 69 -4.90 11.01 2.51
C LYS A 69 -3.77 11.95 2.08
N GLY A 70 -2.54 11.55 2.38
CA GLY A 70 -1.33 12.31 2.07
C GLY A 70 -0.15 11.83 2.88
N HIS A 71 1.08 12.14 2.40
CA HIS A 71 2.32 11.72 3.06
C HIS A 71 2.46 12.23 4.51
N LYS A 72 1.92 13.45 4.83
CA LYS A 72 2.00 14.00 6.19
C LYS A 72 1.19 13.22 7.24
N GLN A 73 0.30 12.33 6.79
CA GLN A 73 -0.51 11.43 7.64
C GLN A 73 0.38 10.41 8.37
N TYR A 74 1.64 10.21 7.94
CA TYR A 74 2.57 9.24 8.54
C TYR A 74 2.68 9.42 10.08
N GLU A 75 2.78 10.68 10.56
CA GLU A 75 2.85 11.03 11.99
C GLU A 75 1.66 10.47 12.77
N GLU A 76 0.45 10.57 12.19
CA GLU A 76 -0.81 10.10 12.76
C GLU A 76 -0.82 8.59 12.88
N LEU A 77 -0.19 7.90 11.91
CA LEU A 77 -0.11 6.43 11.94
C LEU A 77 0.84 5.99 13.05
N LEU A 78 1.95 6.73 13.26
CA LEU A 78 2.91 6.45 14.34
C LEU A 78 2.26 6.68 15.70
N ALA A 79 1.36 7.69 15.79
CA ALA A 79 0.61 8.04 17.00
C ALA A 79 -0.30 6.91 17.47
N GLU A 80 -0.82 6.08 16.51
CA GLU A 80 -1.68 4.93 16.77
C GLU A 80 -0.98 3.90 17.64
N GLN A 92 8.81 10.31 28.16
CA GLN A 92 9.46 10.58 26.88
C GLN A 92 8.77 9.88 25.73
N LYS A 93 8.80 10.53 24.55
CA LYS A 93 8.27 9.96 23.32
C LYS A 93 9.33 9.01 22.78
N ILE A 94 8.91 7.84 22.30
CA ILE A 94 9.82 6.82 21.78
C ILE A 94 9.59 6.62 20.28
N ARG A 95 10.66 6.77 19.50
CA ARG A 95 10.59 6.59 18.06
C ARG A 95 11.64 5.64 17.54
N LYS A 96 11.23 4.80 16.59
CA LYS A 96 12.10 3.85 15.92
C LYS A 96 12.99 4.62 14.96
N PRO A 97 14.29 4.27 14.82
CA PRO A 97 15.11 4.98 13.82
C PRO A 97 14.72 4.56 12.40
N ARG A 98 15.09 5.38 11.42
CA ARG A 98 14.79 5.11 10.02
C ARG A 98 16.04 4.68 9.24
N PRO A 99 16.16 3.36 8.89
CA PRO A 99 17.35 2.92 8.11
C PRO A 99 17.40 3.54 6.71
N GLN A 100 18.56 4.12 6.36
CA GLN A 100 18.87 4.83 5.12
C GLN A 100 18.30 4.22 3.83
N ARG A 101 18.64 2.94 3.52
CA ARG A 101 18.21 2.24 2.30
C ARG A 101 16.69 2.14 2.22
N GLU A 102 16.06 1.79 3.35
CA GLU A 102 14.61 1.66 3.50
C GLU A 102 13.94 3.04 3.36
N ARG A 103 14.54 4.09 3.97
CA ARG A 103 14.05 5.47 3.88
C ARG A 103 14.02 5.95 2.40
N ALA A 104 15.10 5.67 1.64
CA ALA A 104 15.25 6.02 0.23
C ALA A 104 14.18 5.36 -0.65
N GLN A 105 13.88 4.07 -0.37
CA GLN A 105 12.85 3.30 -1.08
C GLN A 105 11.46 3.87 -0.72
N TRP A 106 11.24 4.21 0.58
CA TRP A 106 9.97 4.79 1.07
C TRP A 106 9.73 6.18 0.41
N ASP A 107 10.78 7.00 0.31
CA ASP A 107 10.71 8.33 -0.30
C ASP A 107 10.31 8.22 -1.77
N ILE A 108 10.83 7.19 -2.50
CA ILE A 108 10.45 6.92 -3.91
C ILE A 108 8.95 6.57 -3.96
N GLY A 109 8.53 5.66 -3.07
CA GLY A 109 7.14 5.23 -2.97
C GLY A 109 6.19 6.39 -2.71
N ILE A 110 6.58 7.26 -1.75
CA ILE A 110 5.81 8.45 -1.40
C ILE A 110 5.67 9.39 -2.59
N ALA A 111 6.78 9.63 -3.32
CA ALA A 111 6.77 10.45 -4.52
C ALA A 111 5.74 9.89 -5.52
N HIS A 112 5.69 8.57 -5.71
CA HIS A 112 4.71 7.94 -6.62
C HIS A 112 3.28 8.11 -6.08
N ALA A 113 3.09 7.89 -4.78
CA ALA A 113 1.78 8.00 -4.12
C ALA A 113 1.20 9.43 -4.20
N GLU A 114 2.07 10.46 -4.07
CA GLU A 114 1.70 11.89 -4.15
C GLU A 114 1.30 12.26 -5.57
N LYS A 115 1.95 11.64 -6.57
CA LYS A 115 1.59 11.84 -7.97
C LYS A 115 0.20 11.17 -8.21
N ALA A 116 0.02 9.93 -7.71
CA ALA A 116 -1.22 9.12 -7.81
C ALA A 116 -2.41 9.82 -7.16
N LEU A 117 -2.16 10.55 -6.08
CA LEU A 117 -3.18 11.30 -5.33
C LEU A 117 -3.80 12.42 -6.18
N LYS A 118 -3.04 12.98 -7.14
CA LYS A 118 -3.48 14.05 -8.06
C LYS A 118 -4.24 13.49 -9.27
N MET A 119 -4.33 12.15 -9.37
CA MET A 119 -5.02 11.45 -10.47
C MET A 119 -6.41 11.01 -10.03
N THR A 120 -7.27 10.69 -11.01
CA THR A 120 -8.58 10.09 -10.73
C THR A 120 -8.30 8.60 -10.53
N ARG A 121 -9.24 7.84 -9.93
CA ARG A 121 -9.11 6.40 -9.71
C ARG A 121 -8.81 5.65 -11.03
N GLU A 122 -9.52 6.02 -12.14
CA GLU A 122 -9.33 5.43 -13.48
C GLU A 122 -7.92 5.72 -14.01
N GLU A 123 -7.41 6.97 -13.83
CA GLU A 123 -6.05 7.34 -14.26
C GLU A 123 -4.99 6.55 -13.49
N ARG A 124 -5.17 6.40 -12.16
CA ARG A 124 -4.25 5.64 -11.30
C ARG A 124 -4.21 4.18 -11.73
N ILE A 125 -5.39 3.57 -11.99
CA ILE A 125 -5.47 2.16 -12.42
C ILE A 125 -4.65 1.97 -13.71
N GLU A 126 -4.83 2.86 -14.69
CA GLU A 126 -4.10 2.82 -15.95
C GLU A 126 -2.59 3.06 -15.77
N GLN A 127 -2.21 4.04 -14.94
CA GLN A 127 -0.80 4.38 -14.74
C GLN A 127 0.02 3.36 -13.95
N TYR A 128 -0.58 2.76 -12.91
CA TYR A 128 0.18 1.93 -11.97
C TYR A 128 -0.09 0.43 -11.93
N THR A 129 -1.24 -0.06 -12.45
CA THR A 129 -1.48 -1.50 -12.35
C THR A 129 -0.35 -2.33 -12.94
N PHE A 130 0.23 -3.22 -12.12
CA PHE A 130 1.34 -4.07 -12.57
C PHE A 130 0.96 -5.02 -13.66
N ILE A 131 1.96 -5.34 -14.50
CA ILE A 131 1.92 -6.35 -15.55
C ILE A 131 2.63 -7.53 -14.92
N TYR A 132 1.97 -8.69 -14.90
CA TYR A 132 2.53 -9.91 -14.33
C TYR A 132 2.92 -10.85 -15.44
N ILE A 133 4.16 -11.35 -15.40
CA ILE A 133 4.67 -12.29 -16.41
C ILE A 133 4.99 -13.60 -15.72
N ASP A 134 4.39 -14.70 -16.20
CA ASP A 134 4.64 -16.05 -15.68
C ASP A 134 6.10 -16.44 -15.96
N LYS A 135 6.75 -17.11 -14.99
CA LYS A 135 8.13 -17.58 -15.08
C LYS A 135 8.30 -18.62 -16.19
N3 EHT B . 9.52 -2.02 -1.79
C4 EHT B . 9.79 -1.88 -0.48
C5 EHT B . 9.16 -2.62 0.51
C6 EHT B . 8.17 -3.52 0.16
C7 EHT B . 7.49 -4.34 1.18
C8 EHT B . 7.36 -5.72 1.32
C10 EHT B . 6.34 -4.86 3.00
C13 EHT B . 7.80 -6.78 0.42
C17 EHT B . 9.10 -7.00 -0.13
C1 EHT B . 7.89 -3.69 -1.20
C2 EHT B . 8.58 -2.93 -2.12
N9 EHT B . 6.65 -6.03 2.47
N11 EHT B . 6.86 -3.81 2.34
C12 EHT B . 6.68 -2.40 2.68
C14 EHT B . 7.03 -7.78 -0.10
O15 EHT B . 7.80 -8.57 -0.86
N16 EHT B . 9.11 -8.05 -0.90
C18 EHT B . 5.60 -8.18 0.04
C19 EHT B . 10.37 -6.23 0.06
#